data_7DW5
#
_entry.id   7DW5
#
_cell.length_a   42.974
_cell.length_b   64.451
_cell.length_c   69.432
_cell.angle_alpha   95.82
_cell.angle_beta   92.55
_cell.angle_gamma   103.31
#
_symmetry.space_group_name_H-M   'P 1'
#
loop_
_entity.id
_entity.type
_entity.pdbx_description
1 polymer 'Double homeobox protein 4-like protein 2'
2 polymer "DNA (5'-D(P*CP*GP*AP*CP*TP*TP*GP*AP*TP*GP*AP*GP*AP*TP*TP*AP*GP*AP*CP*TP*G)-3')"
3 polymer "DNA (5'-D(P*CP*GP*AP*CP*TP*TP*GP*AP*TP*GP*AP*GP*AP*TP*TP*AP*GP*AP*CP*TP*G)-3')"
4 non-polymer 'BROMIDE ION'
5 water water
#
loop_
_entity_poly.entity_id
_entity_poly.type
_entity_poly.pdbx_seq_one_letter_code
_entity_poly.pdbx_strand_id
1 'polypeptide(L)'
;MALPTPSDSTLPAEARGRGRRRRLVWTPSQSEALRACFERNPYPGIATRERLAQAIGIPEPRVQIWFQNERSRQLRQHRR
ESRPWPGRRGPPEGRRKRTAVTGSQTALLLRAFEKDRFPGIAAREELARETGLPESRIQIWFQNRRARHP
;
A,B
2 'polydeoxyribonucleotide'
;(DC)(DG)(DA)(DC)(DT)(DT)(DG)(DA)(DT)(DG)(DA)(DG)(DA)(DT)(DT)(DA)(DG)(DA)(DC)(DT)
(DG)
;
E,C
3 'polydeoxyribonucleotide'
;(DC)(DA)(DG)(DT)(DC)(DT)(DA)(DA)(DT)(DC)(DT)(DC)(DA)(DT)(DC)(DA)(DA)(DG)(DT)(DC)
(DG)
;
F,D
#
loop_
_chem_comp.id
_chem_comp.type
_chem_comp.name
_chem_comp.formula
BR non-polymer 'BROMIDE ION' 'Br -1'
DA DNA linking 2'-DEOXYADENOSINE-5'-MONOPHOSPHATE 'C10 H14 N5 O6 P'
DC DNA linking 2'-DEOXYCYTIDINE-5'-MONOPHOSPHATE 'C9 H14 N3 O7 P'
DG DNA linking 2'-DEOXYGUANOSINE-5'-MONOPHOSPHATE 'C10 H14 N5 O7 P'
DT DNA linking THYMIDINE-5'-MONOPHOSPHATE 'C10 H15 N2 O8 P'
#
# COMPACT_ATOMS: atom_id res chain seq x y z
N ARG A 20 -26.79 -7.44 17.10
CA ARG A 20 -25.42 -7.97 17.10
C ARG A 20 -24.91 -8.18 18.51
N ARG A 21 -23.62 -8.47 18.63
CA ARG A 21 -23.05 -8.87 19.92
C ARG A 21 -22.51 -7.66 20.66
N ARG A 22 -22.33 -7.84 21.97
CA ARG A 22 -22.08 -6.76 22.92
C ARG A 22 -20.58 -6.50 23.02
N ARG A 23 -20.15 -5.31 22.60
CA ARG A 23 -18.73 -4.97 22.59
C ARG A 23 -18.09 -5.18 23.96
N LEU A 24 -17.00 -5.94 23.97
CA LEU A 24 -16.17 -6.16 25.14
C LEU A 24 -15.31 -4.91 25.40
N VAL A 25 -14.80 -4.80 26.64
CA VAL A 25 -13.85 -3.75 27.00
C VAL A 25 -12.63 -4.41 27.65
N TRP A 26 -11.45 -4.08 27.14
CA TRP A 26 -10.21 -4.67 27.65
C TRP A 26 -9.74 -3.93 28.89
N THR A 27 -9.42 -4.68 29.95
CA THR A 27 -8.70 -4.10 31.07
C THR A 27 -7.26 -3.78 30.68
N PRO A 28 -6.62 -2.84 31.36
CA PRO A 28 -5.20 -2.55 31.07
C PRO A 28 -4.30 -3.77 30.98
N SER A 29 -4.41 -4.73 31.90
CA SER A 29 -3.51 -5.87 31.88
C SER A 29 -3.92 -6.92 30.86
N GLN A 30 -5.19 -6.94 30.46
CA GLN A 30 -5.61 -7.71 29.30
C GLN A 30 -4.92 -7.18 28.04
N SER A 31 -5.08 -5.88 27.76
CA SER A 31 -4.45 -5.27 26.60
C SER A 31 -2.94 -5.51 26.59
N GLU A 32 -2.27 -5.18 27.70
CA GLU A 32 -0.83 -5.40 27.79
C GLU A 32 -0.45 -6.82 27.38
N ALA A 33 -1.20 -7.81 27.87
CA ALA A 33 -0.86 -9.20 27.58
C ALA A 33 -0.98 -9.49 26.09
N LEU A 34 -2.07 -9.04 25.47
CA LEU A 34 -2.22 -9.14 24.02
C LEU A 34 -1.04 -8.50 23.31
N ARG A 35 -0.87 -7.18 23.51
CA ARG A 35 0.24 -6.43 22.95
C ARG A 35 1.55 -7.19 23.10
N ALA A 36 1.77 -7.79 24.27
CA ALA A 36 2.98 -8.57 24.49
C ALA A 36 3.08 -9.74 23.52
N CYS A 37 2.03 -10.57 23.48
CA CYS A 37 2.09 -11.76 22.63
C CYS A 37 2.19 -11.38 21.15
N PHE A 38 1.53 -10.29 20.75
CA PHE A 38 1.58 -9.89 19.35
C PHE A 38 3.00 -9.60 18.89
N GLU A 39 3.87 -9.16 19.80
CA GLU A 39 5.27 -8.95 19.45
C GLU A 39 6.09 -10.23 19.49
N ARG A 40 5.58 -11.30 20.10
CA ARG A 40 6.26 -12.60 20.05
C ARG A 40 6.04 -13.26 18.69
N ASN A 41 4.81 -13.20 18.17
CA ASN A 41 4.43 -13.65 16.84
C ASN A 41 2.99 -13.21 16.61
N PRO A 42 2.67 -12.60 15.46
CA PRO A 42 1.30 -12.12 15.22
C PRO A 42 0.41 -13.10 14.47
N TYR A 43 0.86 -14.32 14.22
CA TYR A 43 0.07 -15.33 13.51
C TYR A 43 -0.06 -16.56 14.40
N PRO A 44 -0.58 -16.41 15.62
CA PRO A 44 -0.57 -17.52 16.57
C PRO A 44 -1.57 -18.61 16.17
N GLY A 45 -1.18 -19.86 16.39
CA GLY A 45 -2.10 -20.96 16.26
C GLY A 45 -3.08 -21.04 17.43
N ILE A 46 -4.04 -21.97 17.30
CA ILE A 46 -5.10 -22.09 18.30
C ILE A 46 -4.52 -22.40 19.68
N ALA A 47 -3.45 -23.20 19.74
CA ALA A 47 -2.82 -23.46 21.03
C ALA A 47 -2.51 -22.16 21.75
N THR A 48 -1.60 -21.35 21.19
CA THR A 48 -1.20 -20.11 21.84
C THR A 48 -2.42 -19.26 22.20
N ARG A 49 -3.31 -19.04 21.23
CA ARG A 49 -4.52 -18.26 21.51
C ARG A 49 -5.29 -18.84 22.68
N GLU A 50 -5.53 -20.15 22.67
CA GLU A 50 -6.28 -20.77 23.75
C GLU A 50 -5.59 -20.55 25.10
N ARG A 51 -4.27 -20.74 25.15
CA ARG A 51 -3.55 -20.52 26.39
C ARG A 51 -3.67 -19.05 26.82
N LEU A 52 -3.55 -18.13 25.87
CA LEU A 52 -3.69 -16.72 26.20
C LEU A 52 -5.08 -16.42 26.75
N ALA A 53 -6.11 -16.99 26.14
CA ALA A 53 -7.48 -16.73 26.57
C ALA A 53 -7.68 -17.09 28.03
N GLN A 54 -7.20 -18.27 28.45
CA GLN A 54 -7.32 -18.68 29.83
C GLN A 54 -6.48 -17.78 30.75
N ALA A 55 -5.22 -17.55 30.39
CA ALA A 55 -4.31 -16.76 31.21
C ALA A 55 -4.90 -15.40 31.57
N ILE A 56 -5.52 -14.72 30.60
CA ILE A 56 -6.01 -13.37 30.82
C ILE A 56 -7.52 -13.32 31.01
N GLY A 57 -8.19 -14.46 30.94
CA GLY A 57 -9.60 -14.55 31.29
C GLY A 57 -10.53 -13.94 30.27
N ILE A 58 -10.57 -14.49 29.06
CA ILE A 58 -11.58 -14.08 28.09
C ILE A 58 -11.65 -15.18 27.02
N PRO A 59 -12.83 -15.48 26.47
CA PRO A 59 -12.93 -16.57 25.49
C PRO A 59 -12.01 -16.37 24.29
N GLU A 60 -11.45 -17.48 23.80
CA GLU A 60 -10.46 -17.42 22.74
C GLU A 60 -10.96 -16.82 21.44
N PRO A 61 -12.21 -17.05 20.98
CA PRO A 61 -12.64 -16.40 19.73
C PRO A 61 -12.48 -14.89 19.75
N ARG A 62 -12.72 -14.26 20.90
CA ARG A 62 -12.49 -12.82 21.02
C ARG A 62 -11.02 -12.49 20.80
N VAL A 63 -10.13 -13.32 21.33
CA VAL A 63 -8.69 -13.07 21.17
C VAL A 63 -8.28 -13.15 19.71
N GLN A 64 -8.83 -14.11 18.94
CA GLN A 64 -8.43 -14.17 17.53
C GLN A 64 -8.85 -12.91 16.80
N ILE A 65 -10.05 -12.41 17.10
CA ILE A 65 -10.54 -11.24 16.39
C ILE A 65 -9.73 -10.01 16.75
N TRP A 66 -9.21 -9.93 17.97
CA TRP A 66 -8.29 -8.83 18.29
C TRP A 66 -7.01 -8.96 17.48
N PHE A 67 -6.47 -10.17 17.37
CA PHE A 67 -5.27 -10.38 16.55
C PHE A 67 -5.51 -10.01 15.10
N GLN A 68 -6.68 -10.36 14.55
CA GLN A 68 -6.98 -9.97 13.17
C GLN A 68 -6.92 -8.45 13.02
N ASN A 69 -7.60 -7.72 13.92
CA ASN A 69 -7.70 -6.27 13.74
C ASN A 69 -6.40 -5.56 14.06
N GLU A 70 -5.62 -6.07 15.01
CA GLU A 70 -4.29 -5.51 15.24
C GLU A 70 -3.41 -5.69 14.00
N ARG A 71 -3.36 -6.89 13.46
CA ARG A 71 -2.72 -7.10 12.15
C ARG A 71 -3.23 -6.08 11.15
N SER A 72 -4.53 -6.16 10.84
CA SER A 72 -5.20 -5.16 9.99
C SER A 72 -4.68 -3.75 10.26
N ARG A 73 -4.81 -3.28 11.50
CA ARG A 73 -4.40 -1.92 11.82
C ARG A 73 -2.94 -1.69 11.49
N GLN A 74 -2.06 -2.58 11.96
CA GLN A 74 -0.63 -2.37 11.77
C GLN A 74 -0.24 -2.48 10.32
N LEU A 75 -0.90 -3.35 9.55
CA LEU A 75 -0.55 -3.51 8.15
C LEU A 75 -0.90 -2.26 7.36
N ARG A 76 -2.10 -1.72 7.57
CA ARG A 76 -2.51 -0.52 6.85
C ARG A 76 -1.67 0.70 7.25
N GLN A 77 -1.33 0.79 8.53
CA GLN A 77 -0.54 1.93 9.01
C GLN A 77 0.89 1.88 8.49
N HIS A 78 1.36 0.71 8.07
CA HIS A 78 2.72 0.52 7.57
C HIS A 78 2.81 0.80 6.06
N ARG A 79 1.90 0.22 5.27
CA ARG A 79 1.74 0.59 3.88
C ARG A 79 1.73 2.10 3.70
N ARG A 80 1.03 2.80 4.59
CA ARG A 80 0.91 4.25 4.48
C ARG A 80 2.27 4.92 4.67
N GLU A 81 2.92 4.69 5.81
CA GLU A 81 4.00 5.54 6.30
C GLU A 81 5.40 5.02 6.00
N SER A 82 5.62 3.72 5.89
CA SER A 82 6.98 3.20 5.72
C SER A 82 7.42 3.31 4.26
N ARG A 83 8.74 3.33 4.07
CA ARG A 83 9.35 3.58 2.77
C ARG A 83 10.45 2.55 2.54
N PRO A 84 10.82 2.30 1.28
CA PRO A 84 11.89 1.33 1.01
C PRO A 84 13.26 1.84 1.44
N TRP A 85 13.52 3.14 1.32
CA TRP A 85 14.88 3.65 1.46
C TRP A 85 15.06 4.30 2.83
N PRO A 86 16.30 4.29 3.36
CA PRO A 86 16.52 4.82 4.72
C PRO A 86 16.18 6.29 4.93
N GLY A 87 14.88 6.63 4.89
CA GLY A 87 14.45 8.00 5.13
C GLY A 87 15.39 9.01 4.55
N ARG A 88 15.51 10.18 5.19
CA ARG A 88 16.46 11.19 4.73
C ARG A 88 16.89 12.06 5.90
N ARG A 89 18.20 12.10 6.13
CA ARG A 89 18.80 12.82 7.25
C ARG A 89 19.22 14.21 6.76
N GLY A 90 18.38 15.21 7.03
CA GLY A 90 18.69 16.57 6.67
C GLY A 90 17.64 17.21 5.79
N PRO A 91 18.02 18.25 5.06
CA PRO A 91 17.04 19.04 4.32
C PRO A 91 17.02 18.64 2.85
N PRO A 92 15.95 18.96 2.12
CA PRO A 92 15.92 18.64 0.70
C PRO A 92 17.03 19.34 -0.06
N GLU A 93 17.56 18.67 -1.08
CA GLU A 93 18.55 19.25 -1.98
C GLU A 93 17.98 20.42 -2.76
N GLY A 94 18.81 21.09 -3.54
CA GLY A 94 18.43 22.36 -4.14
C GLY A 94 17.40 22.16 -5.22
N ARG A 95 16.22 22.77 -5.06
CA ARG A 95 15.19 22.80 -6.08
C ARG A 95 15.60 23.76 -7.20
N ARG A 96 14.84 23.73 -8.29
CA ARG A 96 15.14 24.55 -9.45
C ARG A 96 14.71 25.99 -9.18
N LYS A 97 15.60 26.94 -9.43
CA LYS A 97 15.24 28.34 -9.27
C LYS A 97 14.20 28.73 -10.31
N ARG A 98 13.21 29.51 -9.88
CA ARG A 98 12.00 29.73 -10.67
C ARG A 98 12.32 30.55 -11.93
N THR A 99 12.09 29.94 -13.10
CA THR A 99 12.29 30.66 -14.35
C THR A 99 11.35 31.85 -14.44
N ALA A 100 11.88 32.98 -14.87
CA ALA A 100 11.04 34.09 -15.32
C ALA A 100 10.75 33.87 -16.79
N VAL A 101 9.46 33.87 -17.15
CA VAL A 101 9.06 33.73 -18.55
C VAL A 101 8.59 35.10 -19.01
N THR A 102 9.24 35.61 -20.05
CA THR A 102 9.05 36.99 -20.46
C THR A 102 7.71 37.19 -21.16
N GLY A 103 7.22 38.42 -21.10
CA GLY A 103 6.00 38.74 -21.83
C GLY A 103 6.06 38.32 -23.29
N SER A 104 7.23 38.42 -23.90
CA SER A 104 7.38 37.98 -25.29
C SER A 104 7.30 36.46 -25.39
N GLN A 105 7.87 35.76 -24.40
CA GLN A 105 7.81 34.30 -24.39
C GLN A 105 6.38 33.82 -24.17
N THR A 106 5.80 34.21 -23.03
CA THR A 106 4.39 33.98 -22.74
C THR A 106 3.50 34.11 -23.98
N ALA A 107 3.51 35.29 -24.61
CA ALA A 107 2.69 35.51 -25.80
C ALA A 107 2.83 34.37 -26.80
N LEU A 108 4.05 34.04 -27.18
CA LEU A 108 4.25 33.00 -28.19
C LEU A 108 3.71 31.66 -27.72
N LEU A 109 3.97 31.29 -26.46
CA LEU A 109 3.47 30.02 -25.93
C LEU A 109 1.94 29.97 -26.02
N LEU A 110 1.26 31.04 -25.62
CA LEU A 110 -0.21 31.08 -25.73
C LEU A 110 -0.67 30.77 -27.15
N ARG A 111 -0.11 31.47 -28.14
CA ARG A 111 -0.49 31.24 -29.52
C ARG A 111 -0.45 29.76 -29.86
N ALA A 112 0.64 29.08 -29.50
CA ALA A 112 0.73 27.65 -29.71
C ALA A 112 -0.37 26.91 -28.94
N PHE A 113 -0.64 27.34 -27.70
CA PHE A 113 -1.61 26.64 -26.87
C PHE A 113 -3.02 26.75 -27.45
N GLU A 114 -3.34 27.89 -28.08
CA GLU A 114 -4.67 28.04 -28.66
C GLU A 114 -4.88 27.11 -29.84
N LYS A 115 -3.81 26.80 -30.59
CA LYS A 115 -3.95 25.89 -31.72
C LYS A 115 -3.89 24.43 -31.26
N ASP A 116 -2.81 24.04 -30.57
CA ASP A 116 -2.62 22.66 -30.13
C ASP A 116 -2.19 22.66 -28.68
N ARG A 117 -2.98 22.00 -27.82
CA ARG A 117 -2.74 21.91 -26.40
C ARG A 117 -1.83 20.74 -26.00
N PHE A 118 -1.51 19.83 -26.92
CA PHE A 118 -0.65 18.69 -26.63
C PHE A 118 0.46 18.61 -27.68
N PRO A 119 1.36 19.59 -27.71
CA PRO A 119 2.51 19.49 -28.60
C PRO A 119 3.30 18.20 -28.35
N GLY A 120 3.64 17.50 -29.43
CA GLY A 120 4.62 16.45 -29.36
C GLY A 120 6.01 17.01 -29.38
N ILE A 121 7.00 16.12 -29.25
CA ILE A 121 8.37 16.58 -29.05
C ILE A 121 8.81 17.45 -30.22
N ALA A 122 8.27 17.21 -31.42
CA ALA A 122 8.64 18.02 -32.58
C ALA A 122 8.21 19.47 -32.39
N ALA A 123 6.90 19.70 -32.24
CA ALA A 123 6.42 21.05 -31.97
C ALA A 123 7.02 21.59 -30.68
N ARG A 124 7.24 20.71 -29.70
CA ARG A 124 7.77 21.13 -28.42
C ARG A 124 9.17 21.69 -28.56
N GLU A 125 10.08 20.93 -29.17
CA GLU A 125 11.44 21.41 -29.37
C GLU A 125 11.47 22.65 -30.26
N GLU A 126 10.42 22.89 -31.04
CA GLU A 126 10.31 24.11 -31.83
C GLU A 126 10.02 25.32 -30.95
N LEU A 127 9.07 25.20 -30.03
CA LEU A 127 8.78 26.30 -29.11
C LEU A 127 9.97 26.66 -28.24
N ALA A 128 10.89 25.72 -28.01
CA ALA A 128 12.10 26.05 -27.27
C ALA A 128 12.98 27.01 -28.06
N ARG A 129 13.30 26.64 -29.31
CA ARG A 129 14.11 27.51 -30.16
C ARG A 129 13.55 28.93 -30.22
N GLU A 130 12.23 29.07 -30.24
CA GLU A 130 11.59 30.36 -30.43
C GLU A 130 11.59 31.21 -29.17
N THR A 131 11.70 30.58 -27.99
CA THR A 131 11.62 31.30 -26.72
C THR A 131 12.92 31.30 -25.93
N GLY A 132 13.94 30.57 -26.37
CA GLY A 132 15.12 30.39 -25.56
C GLY A 132 14.90 29.58 -24.29
N LEU A 133 13.69 29.06 -24.07
CA LEU A 133 13.49 28.15 -22.95
C LEU A 133 13.94 26.74 -23.33
N PRO A 134 14.22 25.90 -22.34
CA PRO A 134 14.50 24.50 -22.63
C PRO A 134 13.21 23.72 -22.80
N GLU A 135 13.23 22.75 -23.72
CA GLU A 135 12.06 21.92 -23.96
C GLU A 135 11.47 21.40 -22.66
N SER A 136 12.32 20.95 -21.74
CA SER A 136 11.91 20.58 -20.39
C SER A 136 10.82 21.52 -19.87
N ARG A 137 11.11 22.82 -19.87
CA ARG A 137 10.22 23.79 -19.24
C ARG A 137 9.00 24.07 -20.10
N ILE A 138 9.15 23.99 -21.42
CA ILE A 138 8.00 24.10 -22.32
C ILE A 138 6.93 23.09 -21.92
N GLN A 139 7.35 21.85 -21.68
CA GLN A 139 6.41 20.79 -21.35
C GLN A 139 5.67 21.09 -20.06
N ILE A 140 6.42 21.41 -18.99
CA ILE A 140 5.81 21.78 -17.72
C ILE A 140 4.85 22.97 -17.89
N TRP A 141 5.14 23.88 -18.82
CA TRP A 141 4.24 25.01 -19.03
C TRP A 141 2.89 24.55 -19.56
N PHE A 142 2.89 23.70 -20.59
CA PHE A 142 1.62 23.20 -21.13
C PHE A 142 0.90 22.32 -20.13
N GLN A 143 1.64 21.46 -19.42
CA GLN A 143 1.04 20.68 -18.33
C GLN A 143 0.22 21.59 -17.42
N ASN A 144 0.90 22.56 -16.80
CA ASN A 144 0.25 23.46 -15.86
C ASN A 144 -0.86 24.25 -16.54
N ARG A 145 -0.62 24.69 -17.77
CA ARG A 145 -1.64 25.45 -18.49
C ARG A 145 -2.92 24.65 -18.64
N ARG A 146 -2.81 23.36 -18.99
CA ARG A 146 -4.00 22.52 -19.14
C ARG A 146 -4.75 22.38 -17.83
N ALA A 147 -4.03 22.07 -16.76
CA ALA A 147 -4.64 21.90 -15.44
C ALA A 147 -5.50 23.08 -15.02
N ARG A 148 -5.23 24.28 -15.55
CA ARG A 148 -5.77 25.50 -15.01
C ARG A 148 -6.66 26.30 -15.97
N HIS A 149 -6.80 25.86 -17.23
CA HIS A 149 -7.69 26.51 -18.19
C HIS A 149 -8.31 25.46 -19.09
N PRO A 150 -9.24 24.65 -18.57
CA PRO A 150 -9.84 23.58 -19.36
C PRO A 150 -10.77 24.10 -20.47
N ARG B 20 5.42 12.99 -30.38
CA ARG B 20 5.29 11.59 -29.97
C ARG B 20 6.34 11.27 -28.89
N ARG B 21 7.38 10.51 -29.24
CA ARG B 21 8.45 10.18 -28.30
C ARG B 21 9.51 9.34 -29.00
N ARG B 22 10.45 8.78 -28.22
CA ARG B 22 11.49 7.93 -28.78
C ARG B 22 12.20 7.18 -27.67
N ARG B 23 12.02 5.86 -27.60
CA ARG B 23 12.46 5.12 -26.42
C ARG B 23 13.99 5.06 -26.37
N LEU B 24 14.52 5.48 -25.23
CA LEU B 24 15.94 5.34 -24.93
C LEU B 24 16.27 3.89 -24.62
N VAL B 25 17.55 3.55 -24.76
CA VAL B 25 18.06 2.27 -24.29
C VAL B 25 19.33 2.53 -23.48
N TRP B 26 19.35 2.07 -22.24
CA TRP B 26 20.46 2.30 -21.33
C TRP B 26 21.58 1.30 -21.56
N THR B 27 22.82 1.79 -21.62
CA THR B 27 23.95 0.89 -21.59
C THR B 27 24.04 0.25 -20.20
N PRO B 28 24.62 -0.95 -20.12
CA PRO B 28 24.82 -1.56 -18.78
C PRO B 28 25.46 -0.62 -17.77
N SER B 29 26.48 0.15 -18.16
CA SER B 29 27.16 1.02 -17.22
C SER B 29 26.39 2.31 -16.98
N GLN B 30 25.54 2.73 -17.92
CA GLN B 30 24.58 3.79 -17.62
C GLN B 30 23.64 3.35 -16.51
N SER B 31 22.98 2.20 -16.69
CA SER B 31 22.09 1.68 -15.65
C SER B 31 22.84 1.53 -14.34
N GLU B 32 24.00 0.90 -14.36
CA GLU B 32 24.82 0.78 -13.15
C GLU B 32 25.00 2.14 -12.49
N ALA B 33 25.32 3.16 -13.29
CA ALA B 33 25.59 4.49 -12.74
C ALA B 33 24.34 5.08 -12.09
N LEU B 34 23.20 5.00 -12.79
CA LEU B 34 21.94 5.43 -12.20
C LEU B 34 21.68 4.68 -10.89
N ARG B 35 21.53 3.36 -10.98
CA ARG B 35 21.35 2.48 -9.83
C ARG B 35 22.27 2.87 -8.70
N ALA B 36 23.53 3.19 -9.02
CA ALA B 36 24.49 3.59 -8.00
C ALA B 36 24.06 4.87 -7.29
N CYS B 37 23.82 5.94 -8.05
CA CYS B 37 23.43 7.20 -7.43
C CYS B 37 22.11 7.08 -6.69
N PHE B 38 21.18 6.26 -7.20
CA PHE B 38 19.90 6.11 -6.54
C PHE B 38 20.04 5.59 -5.12
N GLU B 39 21.09 4.80 -4.84
CA GLU B 39 21.37 4.35 -3.47
C GLU B 39 22.08 5.40 -2.65
N ARG B 40 22.63 6.46 -3.28
CA ARG B 40 23.22 7.54 -2.51
C ARG B 40 22.12 8.41 -1.89
N ASN B 41 21.07 8.67 -2.65
CA ASN B 41 19.88 9.40 -2.23
C ASN B 41 18.90 9.31 -3.40
N PRO B 42 17.63 8.99 -3.18
CA PRO B 42 16.71 8.82 -4.31
C PRO B 42 15.94 10.05 -4.71
N TYR B 43 16.19 11.20 -4.09
CA TYR B 43 15.50 12.45 -4.39
C TYR B 43 16.50 13.54 -4.75
N PRO B 44 17.32 13.32 -5.78
CA PRO B 44 18.39 14.28 -6.08
C PRO B 44 17.82 15.60 -6.58
N GLY B 45 18.45 16.70 -6.16
CA GLY B 45 18.13 17.99 -6.70
C GLY B 45 18.66 18.14 -8.11
N ILE B 46 18.32 19.25 -8.75
CA ILE B 46 18.70 19.45 -10.15
C ILE B 46 20.22 19.45 -10.27
N ALA B 47 20.91 20.01 -9.28
CA ALA B 47 22.37 20.03 -9.28
C ALA B 47 22.95 18.63 -9.52
N THR B 48 22.75 17.73 -8.56
CA THR B 48 23.30 16.38 -8.68
C THR B 48 22.90 15.73 -10.00
N ARG B 49 21.62 15.81 -10.35
CA ARG B 49 21.14 15.22 -11.59
C ARG B 49 21.98 15.69 -12.78
N GLU B 50 22.23 16.99 -12.88
CA GLU B 50 23.01 17.52 -14.00
C GLU B 50 24.42 16.91 -14.03
N ARG B 51 25.08 16.83 -12.87
CA ARG B 51 26.42 16.26 -12.82
C ARG B 51 26.42 14.82 -13.36
N LEU B 52 25.41 14.05 -12.98
CA LEU B 52 25.29 12.68 -13.47
C LEU B 52 25.09 12.66 -14.99
N ALA B 53 24.23 13.56 -15.50
CA ALA B 53 23.94 13.59 -16.92
C ALA B 53 25.21 13.80 -17.73
N GLN B 54 26.03 14.76 -17.33
CA GLN B 54 27.30 14.99 -18.02
C GLN B 54 28.24 13.82 -17.82
N ALA B 55 28.40 13.37 -16.57
CA ALA B 55 29.32 12.27 -16.29
C ALA B 55 29.04 11.06 -17.18
N ILE B 56 27.76 10.72 -17.38
CA ILE B 56 27.38 9.53 -18.13
C ILE B 56 26.85 9.85 -19.52
N GLY B 57 26.74 11.14 -19.87
CA GLY B 57 26.45 11.52 -21.25
C GLY B 57 25.05 11.22 -21.73
N ILE B 58 24.05 11.85 -21.12
CA ILE B 58 22.67 11.82 -21.62
C ILE B 58 21.94 12.98 -20.97
N PRO B 59 21.02 13.66 -21.66
CA PRO B 59 20.40 14.85 -21.08
C PRO B 59 19.73 14.59 -19.74
N GLU B 60 19.84 15.58 -18.86
CA GLU B 60 19.31 15.45 -17.51
C GLU B 60 17.81 15.20 -17.47
N PRO B 61 16.97 15.76 -18.34
CA PRO B 61 15.54 15.42 -18.25
C PRO B 61 15.29 13.92 -18.29
N ARG B 62 16.06 13.17 -19.08
CA ARG B 62 15.90 11.72 -19.12
C ARG B 62 16.21 11.11 -17.77
N VAL B 63 17.27 11.59 -17.11
CA VAL B 63 17.63 11.02 -15.81
C VAL B 63 16.53 11.24 -14.79
N GLN B 64 15.89 12.43 -14.81
CA GLN B 64 14.84 12.69 -13.85
C GLN B 64 13.68 11.71 -14.03
N ILE B 65 13.32 11.42 -15.28
CA ILE B 65 12.20 10.51 -15.53
C ILE B 65 12.56 9.09 -15.12
N TRP B 66 13.83 8.68 -15.27
CA TRP B 66 14.23 7.38 -14.78
C TRP B 66 14.11 7.30 -13.26
N PHE B 67 14.54 8.37 -12.57
CA PHE B 67 14.40 8.42 -11.13
C PHE B 67 12.92 8.35 -10.72
N GLN B 68 12.04 9.00 -11.48
N GLN B 68 12.06 9.05 -11.46
CA GLN B 68 10.63 8.98 -11.13
CA GLN B 68 10.61 8.99 -11.20
C GLN B 68 10.03 7.59 -11.25
C GLN B 68 10.13 7.56 -11.18
N ASN B 69 10.50 6.79 -12.20
CA ASN B 69 9.94 5.46 -12.42
C ASN B 69 10.58 4.43 -11.51
N GLU B 70 11.87 4.57 -11.20
CA GLU B 70 12.52 3.71 -10.23
C GLU B 70 11.87 3.88 -8.86
N ARG B 71 11.70 5.14 -8.42
CA ARG B 71 10.92 5.43 -7.23
C ARG B 71 9.58 4.72 -7.27
N SER B 72 8.74 5.07 -8.25
CA SER B 72 7.48 4.37 -8.48
C SER B 72 7.62 2.87 -8.26
N ARG B 73 8.55 2.24 -8.97
CA ARG B 73 8.69 0.78 -8.90
C ARG B 73 9.02 0.33 -7.48
N GLN B 74 10.04 0.93 -6.85
CA GLN B 74 10.47 0.46 -5.55
C GLN B 74 9.40 0.70 -4.50
N LEU B 75 8.64 1.80 -4.65
CA LEU B 75 7.59 2.12 -3.70
C LEU B 75 6.43 1.14 -3.82
N ARG B 76 5.99 0.82 -5.03
CA ARG B 76 4.91 -0.15 -5.21
C ARG B 76 5.38 -1.54 -4.80
N GLN B 77 6.64 -1.87 -5.09
CA GLN B 77 7.18 -3.17 -4.72
C GLN B 77 7.32 -3.34 -3.21
N HIS B 78 7.40 -2.23 -2.47
CA HIS B 78 7.55 -2.26 -1.03
C HIS B 78 6.18 -2.28 -0.34
N ARG B 79 5.28 -1.39 -0.77
CA ARG B 79 3.88 -1.47 -0.36
C ARG B 79 3.40 -2.91 -0.48
N ARG B 80 3.77 -3.59 -1.57
CA ARG B 80 3.35 -4.97 -1.79
C ARG B 80 3.97 -5.93 -0.77
N GLU B 81 5.29 -6.05 -0.76
CA GLU B 81 5.95 -7.22 -0.18
C GLU B 81 6.41 -7.04 1.26
N SER B 82 6.79 -5.83 1.67
CA SER B 82 7.38 -5.69 2.99
C SER B 82 6.28 -5.64 4.05
N ARG B 83 6.68 -5.93 5.28
CA ARG B 83 5.78 -6.11 6.40
C ARG B 83 6.26 -5.31 7.60
N PRO B 84 5.37 -5.01 8.54
CA PRO B 84 5.79 -4.24 9.73
C PRO B 84 6.71 -5.02 10.65
N TRP B 85 6.47 -6.32 10.80
CA TRP B 85 7.07 -7.14 11.84
C TRP B 85 8.15 -8.06 11.30
N PRO B 86 9.10 -8.48 12.14
CA PRO B 86 10.12 -9.43 11.68
C PRO B 86 9.45 -10.70 11.21
N GLY B 87 9.79 -11.13 9.99
CA GLY B 87 9.20 -12.34 9.45
C GLY B 87 9.39 -13.52 10.37
N ARG B 88 8.47 -14.48 10.27
CA ARG B 88 8.56 -15.68 11.08
C ARG B 88 9.66 -16.59 10.57
N ARG B 89 10.57 -16.96 11.47
CA ARG B 89 11.68 -17.86 11.15
C ARG B 89 11.18 -19.27 11.47
N GLY B 90 10.70 -19.97 10.44
CA GLY B 90 10.19 -21.30 10.61
C GLY B 90 8.77 -21.43 10.10
N PRO B 91 8.03 -22.42 10.61
CA PRO B 91 6.73 -22.73 10.03
C PRO B 91 5.60 -22.11 10.84
N PRO B 92 4.41 -21.98 10.25
CA PRO B 92 3.27 -21.42 10.99
C PRO B 92 2.86 -22.31 12.16
N GLU B 93 2.38 -21.67 13.22
CA GLU B 93 1.80 -22.40 14.34
C GLU B 93 0.53 -23.13 13.87
N GLY B 94 0.02 -24.00 14.74
CA GLY B 94 -1.06 -24.92 14.38
C GLY B 94 -2.45 -24.33 14.26
N ARG B 95 -3.09 -24.48 13.10
CA ARG B 95 -4.49 -24.10 12.94
C ARG B 95 -5.40 -25.11 13.64
N ARG B 96 -6.69 -24.79 13.66
CA ARG B 96 -7.67 -25.61 14.37
C ARG B 96 -7.95 -26.90 13.61
N LYS B 97 -8.03 -28.01 14.35
CA LYS B 97 -8.47 -29.27 13.76
C LYS B 97 -9.92 -29.15 13.32
N ARG B 98 -10.17 -29.55 12.07
CA ARG B 98 -11.48 -29.45 11.44
C ARG B 98 -12.59 -30.16 12.24
N THR B 99 -13.56 -29.39 12.75
CA THR B 99 -14.69 -29.98 13.44
C THR B 99 -15.52 -30.83 12.48
N ALA B 100 -15.86 -32.04 12.92
CA ALA B 100 -16.88 -32.83 12.25
C ALA B 100 -18.24 -32.48 12.81
N VAL B 101 -19.18 -32.10 11.94
CA VAL B 101 -20.53 -31.77 12.34
C VAL B 101 -21.46 -32.87 11.84
N THR B 102 -22.24 -33.44 12.75
CA THR B 102 -23.08 -34.59 12.46
C THR B 102 -24.25 -34.19 11.58
N GLY B 103 -24.78 -35.18 10.85
CA GLY B 103 -25.99 -34.96 10.09
C GLY B 103 -27.10 -34.34 10.91
N SER B 104 -27.19 -34.68 12.20
CA SER B 104 -28.23 -34.11 13.03
C SER B 104 -27.98 -32.62 13.26
N GLN B 105 -26.71 -32.24 13.39
CA GLN B 105 -26.34 -30.84 13.55
C GLN B 105 -26.63 -30.08 12.26
N THR B 106 -25.95 -30.46 11.17
CA THR B 106 -26.23 -29.95 9.84
C THR B 106 -27.72 -29.74 9.58
N ALA B 107 -28.49 -30.83 9.66
CA ALA B 107 -29.95 -30.72 9.45
C ALA B 107 -30.53 -29.54 10.20
N LEU B 108 -30.25 -29.45 11.51
CA LEU B 108 -30.81 -28.36 12.30
C LEU B 108 -30.32 -27.02 11.80
N LEU B 109 -29.03 -26.90 11.51
CA LEU B 109 -28.48 -25.65 10.99
C LEU B 109 -29.18 -25.25 9.71
N LEU B 110 -29.36 -26.19 8.78
CA LEU B 110 -30.10 -25.91 7.57
C LEU B 110 -31.46 -25.31 7.89
N ARG B 111 -32.20 -25.95 8.79
CA ARG B 111 -33.50 -25.44 9.19
C ARG B 111 -33.41 -23.97 9.59
N ALA B 112 -32.44 -23.63 10.43
CA ALA B 112 -32.26 -22.25 10.84
C ALA B 112 -31.93 -21.33 9.67
N PHE B 113 -31.07 -21.80 8.76
CA PHE B 113 -30.60 -20.98 7.65
C PHE B 113 -31.73 -20.63 6.69
N GLU B 114 -32.70 -21.53 6.51
CA GLU B 114 -33.80 -21.26 5.59
C GLU B 114 -34.68 -20.12 6.08
N LYS B 115 -34.80 -19.96 7.40
CA LYS B 115 -35.61 -18.88 7.97
C LYS B 115 -34.81 -17.58 8.04
N ASP B 116 -33.65 -17.61 8.68
CA ASP B 116 -32.82 -16.43 8.86
C ASP B 116 -31.38 -16.76 8.48
N ARG B 117 -30.87 -16.07 7.47
CA ARG B 117 -29.49 -16.25 7.03
C ARG B 117 -28.50 -15.40 7.80
N PHE B 118 -28.98 -14.47 8.63
CA PHE B 118 -28.13 -13.58 9.42
C PHE B 118 -28.55 -13.59 10.88
N PRO B 119 -28.48 -14.73 11.54
CA PRO B 119 -28.71 -14.75 12.99
C PRO B 119 -27.77 -13.81 13.72
N GLY B 120 -28.33 -13.03 14.64
CA GLY B 120 -27.54 -12.32 15.62
C GLY B 120 -27.12 -13.23 16.75
N ILE B 121 -26.36 -12.67 17.69
CA ILE B 121 -25.75 -13.49 18.75
C ILE B 121 -26.80 -14.27 19.54
N ALA B 122 -28.00 -13.73 19.70
CA ALA B 122 -29.02 -14.42 20.48
C ALA B 122 -29.40 -15.75 19.81
N ALA B 123 -29.92 -15.68 18.59
CA ALA B 123 -30.23 -16.91 17.86
C ALA B 123 -29.00 -17.78 17.70
N ARG B 124 -27.83 -17.18 17.53
CA ARG B 124 -26.60 -17.93 17.35
C ARG B 124 -26.27 -18.76 18.57
N GLU B 125 -26.19 -18.13 19.75
CA GLU B 125 -25.92 -18.87 20.97
C GLU B 125 -27.03 -19.89 21.24
N GLU B 126 -28.21 -19.68 20.66
CA GLU B 126 -29.28 -20.67 20.77
C GLU B 126 -28.99 -21.90 19.91
N LEU B 127 -28.55 -21.69 18.67
CA LEU B 127 -28.17 -22.84 17.84
C LEU B 127 -26.98 -23.58 18.44
N ALA B 128 -26.16 -22.91 19.23
CA ALA B 128 -25.06 -23.58 19.91
C ALA B 128 -25.58 -24.57 20.95
N ARG B 129 -26.46 -24.12 21.83
CA ARG B 129 -27.07 -25.00 22.82
C ARG B 129 -27.69 -26.23 22.15
N GLU B 130 -28.28 -26.05 20.98
CA GLU B 130 -29.05 -27.11 20.32
C GLU B 130 -28.18 -28.12 19.60
N THR B 131 -26.95 -27.75 19.25
CA THR B 131 -26.08 -28.61 18.47
C THR B 131 -24.84 -29.06 19.22
N GLY B 132 -24.60 -28.54 20.42
CA GLY B 132 -23.35 -28.77 21.10
C GLY B 132 -22.15 -28.17 20.41
N LEU B 133 -22.36 -27.45 19.30
CA LEU B 133 -21.28 -26.73 18.65
C LEU B 133 -21.05 -25.42 19.39
N PRO B 134 -19.86 -24.83 19.28
CA PRO B 134 -19.65 -23.51 19.86
C PRO B 134 -20.17 -22.42 18.93
N GLU B 135 -20.73 -21.37 19.55
CA GLU B 135 -21.20 -20.24 18.77
C GLU B 135 -20.12 -19.77 17.80
N SER B 136 -18.88 -19.73 18.26
CA SER B 136 -17.72 -19.50 17.41
C SER B 136 -17.93 -20.15 16.05
N ARG B 137 -18.16 -21.47 16.04
CA ARG B 137 -18.20 -22.22 14.78
C ARG B 137 -19.52 -22.02 14.04
N ILE B 138 -20.62 -21.81 14.76
CA ILE B 138 -21.89 -21.50 14.12
C ILE B 138 -21.71 -20.30 13.19
N GLN B 139 -21.03 -19.27 13.66
CA GLN B 139 -20.84 -18.06 12.88
C GLN B 139 -20.12 -18.37 11.57
N ILE B 140 -18.99 -19.08 11.66
CA ILE B 140 -18.26 -19.48 10.45
C ILE B 140 -19.17 -20.29 9.53
N TRP B 141 -20.05 -21.11 10.10
CA TRP B 141 -20.91 -21.96 9.29
C TRP B 141 -21.86 -21.13 8.43
N PHE B 142 -22.54 -20.16 9.05
CA PHE B 142 -23.43 -19.30 8.28
C PHE B 142 -22.64 -18.46 7.29
N GLN B 143 -21.48 -17.96 7.70
CA GLN B 143 -20.57 -17.29 6.78
C GLN B 143 -20.32 -18.11 5.53
N ASN B 144 -19.74 -19.30 5.70
CA ASN B 144 -19.40 -20.13 4.56
C ASN B 144 -20.64 -20.52 3.76
N ARG B 145 -21.73 -20.82 4.46
CA ARG B 145 -22.97 -21.20 3.77
C ARG B 145 -23.43 -20.10 2.82
N ARG B 146 -23.41 -18.85 3.28
CA ARG B 146 -23.85 -17.74 2.43
C ARG B 146 -22.96 -17.60 1.21
N ALA B 147 -21.65 -17.63 1.41
CA ALA B 147 -20.72 -17.53 0.30
C ALA B 147 -21.05 -18.52 -0.80
N ARG B 148 -21.71 -19.62 -0.45
CA ARG B 148 -21.82 -20.78 -1.33
C ARG B 148 -23.25 -21.14 -1.70
N HIS B 149 -24.26 -20.45 -1.15
CA HIS B 149 -25.66 -20.72 -1.49
C HIS B 149 -26.45 -19.42 -1.46
N PRO B 150 -26.22 -18.54 -2.44
CA PRO B 150 -26.98 -17.27 -2.47
C PRO B 150 -28.44 -17.49 -2.86
BR BR G . -27.77 -1.88 13.23
#